data_6ATO
#
_entry.id   6ATO
#
_cell.length_a   98.675
_cell.length_b   90.960
_cell.length_c   50.751
_cell.angle_alpha   90.00
_cell.angle_beta   94.30
_cell.angle_gamma   90.00
#
_symmetry.space_group_name_H-M   'C 1 2 1'
#
loop_
_entity.id
_entity.type
_entity.pdbx_description
1 polymer 'Glutathione S-transferase A1'
2 non-polymer GLUTATHIONE
3 non-polymer (4S)-2-METHYL-2,4-PENTANEDIOL
4 water water
#
_entity_poly.entity_id   1
_entity_poly.type   'polypeptide(L)'
_entity_poly.pdbx_seq_one_letter_code
;AEKPKLHYFNARGRMESTRWLLAAAGVEFEEKFIKSAEDLDKLRNDGYLMFQQVPMVEIDGMKLVQTRAILNYIASKYNL
YGKDIKERALIDMYIEGIADLGEMILLLPVCPPEEKDAKLALIKEKIKNRYFPAFEKVLKSHGQDYLVGNKLSRADIHLV
ELLYYVEELDSSLISSFPLLKALKTRISNLPTVKKFLQPGSPRKPPMDEKSLEEARKIFRF
;
_entity_poly.pdbx_strand_id   A,B
#
loop_
_chem_comp.id
_chem_comp.type
_chem_comp.name
_chem_comp.formula
GSH non-polymer GLUTATHIONE 'C10 H17 N3 O6 S'
MPD non-polymer (4S)-2-METHYL-2,4-PENTANEDIOL 'C6 H14 O2'
#
# COMPACT_ATOMS: atom_id res chain seq x y z
N ALA A 1 26.69 14.42 0.70
CA ALA A 1 26.08 13.13 1.04
C ALA A 1 25.51 12.44 -0.22
N GLU A 2 24.93 11.26 -0.03
CA GLU A 2 24.46 10.47 -1.16
C GLU A 2 23.23 11.10 -1.79
N LYS A 3 23.31 11.38 -3.09
CA LYS A 3 22.16 11.88 -3.85
C LYS A 3 21.26 10.71 -4.25
N PRO A 4 19.94 10.78 -3.99
CA PRO A 4 19.07 9.66 -4.34
C PRO A 4 19.13 9.36 -5.84
N LYS A 5 19.07 8.06 -6.17
CA LYS A 5 19.10 7.59 -7.56
C LYS A 5 17.88 6.72 -7.82
N LEU A 6 17.08 7.10 -8.81
CA LEU A 6 15.82 6.43 -9.14
C LEU A 6 16.01 5.51 -10.34
N HIS A 7 15.66 4.24 -10.16
CA HIS A 7 15.73 3.25 -11.23
C HIS A 7 14.33 2.90 -11.70
N TYR A 8 14.04 3.20 -12.97
CA TYR A 8 12.74 2.94 -13.58
C TYR A 8 12.92 3.08 -15.08
N PHE A 9 11.85 2.86 -15.85
CA PHE A 9 11.97 3.23 -17.24
C PHE A 9 11.49 4.67 -17.42
N ASN A 10 11.63 5.20 -18.64
CA ASN A 10 11.41 6.62 -18.92
C ASN A 10 9.91 6.83 -19.14
N ALA A 11 9.19 6.91 -18.02
CA ALA A 11 7.73 6.99 -17.99
C ALA A 11 7.29 7.31 -16.58
N ARG A 12 6.05 7.79 -16.45
CA ARG A 12 5.47 8.05 -15.14
C ARG A 12 5.40 6.76 -14.32
N GLY A 13 4.51 5.87 -14.74
CA GLY A 13 4.31 4.59 -14.07
C GLY A 13 4.21 4.71 -12.56
N ARG A 14 4.84 3.76 -11.86
CA ARG A 14 4.83 3.72 -10.41
CA ARG A 14 4.81 3.73 -10.41
C ARG A 14 5.92 4.55 -9.76
N MET A 15 6.79 5.19 -10.55
CA MET A 15 7.85 6.03 -10.01
C MET A 15 7.47 7.50 -9.90
N GLU A 16 6.41 7.93 -10.59
CA GLU A 16 6.12 9.35 -10.70
C GLU A 16 5.79 10.00 -9.35
N SER A 17 5.10 9.29 -8.45
CA SER A 17 4.78 9.93 -7.18
C SER A 17 6.02 10.17 -6.34
N THR A 18 7.06 9.34 -6.52
CA THR A 18 8.34 9.59 -5.87
C THR A 18 9.05 10.81 -6.47
N ARG A 19 9.04 10.94 -7.79
CA ARG A 19 9.59 12.14 -8.42
C ARG A 19 8.92 13.38 -7.85
N TRP A 20 7.58 13.37 -7.75
CA TRP A 20 6.86 14.53 -7.20
C TRP A 20 7.27 14.82 -5.76
N LEU A 21 7.36 13.79 -4.92
CA LEU A 21 7.63 14.05 -3.50
C LEU A 21 9.04 14.57 -3.29
N LEU A 22 10.04 13.97 -3.96
CA LEU A 22 11.41 14.48 -3.87
C LEU A 22 11.50 15.91 -4.40
N ALA A 23 10.91 16.15 -5.57
CA ALA A 23 10.98 17.50 -6.15
C ALA A 23 10.29 18.51 -5.26
N ALA A 24 9.14 18.16 -4.69
CA ALA A 24 8.46 19.12 -3.82
C ALA A 24 9.30 19.42 -2.59
N ALA A 25 10.06 18.44 -2.11
CA ALA A 25 10.93 18.66 -0.98
C ALA A 25 12.19 19.44 -1.33
N GLY A 26 12.39 19.73 -2.62
CA GLY A 26 13.58 20.46 -3.02
C GLY A 26 14.82 19.60 -3.12
N VAL A 27 14.66 18.28 -3.22
CA VAL A 27 15.78 17.35 -3.20
C VAL A 27 16.20 17.06 -4.64
N GLU A 28 17.47 17.29 -4.94
CA GLU A 28 18.00 16.92 -6.24
C GLU A 28 18.27 15.42 -6.28
N PHE A 29 17.86 14.79 -7.38
CA PHE A 29 18.07 13.36 -7.52
C PHE A 29 18.49 13.04 -8.95
N GLU A 30 19.00 11.83 -9.12
CA GLU A 30 19.42 11.33 -10.43
C GLU A 30 18.49 10.21 -10.86
N GLU A 31 18.36 10.02 -12.16
CA GLU A 31 17.60 8.90 -12.70
C GLU A 31 18.51 8.02 -13.55
N LYS A 32 18.33 6.70 -13.45
CA LYS A 32 18.96 5.75 -14.36
C LYS A 32 17.87 4.97 -15.06
N PHE A 33 17.71 5.19 -16.36
CA PHE A 33 16.59 4.63 -17.08
C PHE A 33 16.88 3.21 -17.55
N ILE A 34 15.98 2.31 -17.22
CA ILE A 34 15.93 1.00 -17.82
C ILE A 34 15.43 1.15 -19.24
N LYS A 35 16.20 0.68 -20.22
CA LYS A 35 15.88 0.85 -21.63
C LYS A 35 15.53 -0.45 -22.33
N SER A 36 15.71 -1.60 -21.68
CA SER A 36 15.49 -2.88 -22.33
C SER A 36 15.21 -3.93 -21.27
N ALA A 37 14.65 -5.05 -21.71
CA ALA A 37 14.49 -6.18 -20.80
C ALA A 37 15.83 -6.60 -20.23
N GLU A 38 16.91 -6.43 -21.00
CA GLU A 38 18.22 -6.84 -20.51
CA GLU A 38 18.24 -6.81 -20.53
C GLU A 38 18.68 -5.95 -19.36
N ASP A 39 18.42 -4.63 -19.42
CA ASP A 39 18.77 -3.76 -18.30
C ASP A 39 18.05 -4.18 -17.02
N LEU A 40 16.77 -4.51 -17.13
CA LEU A 40 16.01 -4.94 -15.95
C LEU A 40 16.51 -6.29 -15.44
N ASP A 41 16.80 -7.22 -16.36
CA ASP A 41 17.34 -8.51 -15.93
C ASP A 41 18.68 -8.35 -15.21
N LYS A 42 19.51 -7.38 -15.63
CA LYS A 42 20.78 -7.16 -14.94
C LYS A 42 20.56 -6.71 -13.50
N LEU A 43 19.68 -5.73 -13.28
CA LEU A 43 19.38 -5.32 -11.92
C LEU A 43 18.88 -6.49 -11.09
N ARG A 44 18.03 -7.34 -11.68
CA ARG A 44 17.52 -8.52 -10.99
C ARG A 44 18.63 -9.48 -10.64
N ASN A 45 19.41 -9.88 -11.66
CA ASN A 45 20.39 -10.93 -11.43
CA ASN A 45 20.42 -10.91 -11.48
C ASN A 45 21.49 -10.46 -10.49
N ASP A 46 21.83 -9.17 -10.49
CA ASP A 46 22.86 -8.67 -9.60
C ASP A 46 22.38 -8.43 -8.17
N GLY A 47 21.11 -8.69 -7.88
CA GLY A 47 20.63 -8.72 -6.51
C GLY A 47 20.05 -7.43 -5.98
N TYR A 48 19.84 -6.42 -6.82
CA TYR A 48 19.46 -5.10 -6.32
C TYR A 48 17.96 -4.91 -6.15
N LEU A 49 17.14 -5.88 -6.55
CA LEU A 49 15.68 -5.74 -6.54
C LEU A 49 15.10 -6.84 -5.67
N MET A 50 14.67 -6.49 -4.45
CA MET A 50 14.28 -7.56 -3.52
C MET A 50 13.23 -8.48 -4.11
N PHE A 51 12.24 -7.93 -4.81
CA PHE A 51 11.17 -8.74 -5.38
C PHE A 51 11.22 -8.74 -6.90
N GLN A 52 12.39 -8.48 -7.47
CA GLN A 52 12.63 -8.52 -8.92
C GLN A 52 11.79 -7.48 -9.67
N GLN A 53 11.39 -6.41 -8.98
CA GLN A 53 10.58 -5.34 -9.55
C GLN A 53 11.24 -3.99 -9.33
N VAL A 54 10.89 -3.03 -10.20
CA VAL A 54 11.13 -1.61 -9.92
C VAL A 54 9.77 -0.96 -9.72
N PRO A 55 9.68 0.26 -9.19
CA PRO A 55 10.73 1.19 -8.78
C PRO A 55 11.76 0.65 -7.79
N MET A 56 12.99 1.11 -7.92
CA MET A 56 14.01 0.98 -6.89
C MET A 56 14.68 2.34 -6.73
N VAL A 57 14.95 2.72 -5.49
CA VAL A 57 15.62 3.98 -5.19
C VAL A 57 16.81 3.71 -4.30
N GLU A 58 17.97 4.20 -4.71
CA GLU A 58 19.17 4.18 -3.86
C GLU A 58 19.15 5.44 -3.00
N ILE A 59 19.08 5.26 -1.69
CA ILE A 59 19.03 6.40 -0.78
C ILE A 59 19.58 5.98 0.56
N ASP A 60 20.46 6.82 1.11
CA ASP A 60 21.04 6.62 2.44
C ASP A 60 21.57 5.19 2.62
N GLY A 61 22.29 4.71 1.62
CA GLY A 61 22.93 3.42 1.70
C GLY A 61 22.03 2.22 1.54
N MET A 62 20.75 2.41 1.25
CA MET A 62 19.81 1.32 1.04
C MET A 62 19.44 1.24 -0.43
N LYS A 63 19.12 0.03 -0.88
CA LYS A 63 18.55 -0.20 -2.22
C LYS A 63 17.08 -0.56 -2.00
N LEU A 64 16.24 0.47 -1.95
CA LEU A 64 14.85 0.31 -1.52
C LEU A 64 13.93 0.03 -2.71
N VAL A 65 13.15 -1.03 -2.60
CA VAL A 65 12.03 -1.26 -3.51
C VAL A 65 10.73 -1.15 -2.75
N GLN A 66 9.61 -1.23 -3.48
CA GLN A 66 8.24 -1.04 -3.02
C GLN A 66 7.92 0.45 -2.86
N THR A 67 7.02 0.95 -3.71
CA THR A 67 6.68 2.38 -3.76
CA THR A 67 6.78 2.39 -3.73
C THR A 67 6.37 2.93 -2.36
N ARG A 68 5.55 2.20 -1.60
CA ARG A 68 5.14 2.77 -0.31
C ARG A 68 6.29 2.84 0.68
N ALA A 69 7.22 1.89 0.62
CA ALA A 69 8.40 1.94 1.48
C ALA A 69 9.27 3.14 1.13
N ILE A 70 9.51 3.32 -0.17
CA ILE A 70 10.26 4.46 -0.68
C ILE A 70 9.63 5.76 -0.22
N LEU A 71 8.31 5.91 -0.45
CA LEU A 71 7.64 7.17 -0.13
C LEU A 71 7.58 7.42 1.37
N ASN A 72 7.32 6.38 2.16
CA ASN A 72 7.29 6.58 3.61
C ASN A 72 8.64 7.08 4.11
N TYR A 73 9.73 6.52 3.60
CA TYR A 73 11.06 6.92 4.04
C TYR A 73 11.36 8.36 3.63
N ILE A 74 11.13 8.69 2.36
CA ILE A 74 11.36 10.05 1.88
C ILE A 74 10.52 11.05 2.65
N ALA A 75 9.24 10.72 2.90
CA ALA A 75 8.38 11.66 3.60
C ALA A 75 8.91 11.93 5.01
N SER A 76 9.32 10.89 5.74
CA SER A 76 9.86 11.11 7.08
C SER A 76 11.18 11.86 7.03
N LYS A 77 12.07 11.49 6.10
CA LYS A 77 13.39 12.10 6.02
C LYS A 77 13.29 13.60 5.78
N TYR A 78 12.31 14.05 5.00
CA TYR A 78 12.23 15.46 4.65
C TYR A 78 11.04 16.17 5.32
N ASN A 79 10.56 15.63 6.44
CA ASN A 79 9.62 16.36 7.31
C ASN A 79 8.29 16.63 6.61
N LEU A 80 7.85 15.67 5.79
CA LEU A 80 6.59 15.74 5.07
C LEU A 80 5.61 14.67 5.54
N TYR A 81 5.81 14.15 6.75
CA TYR A 81 5.00 13.06 7.29
C TYR A 81 4.38 13.44 8.63
N GLY A 82 4.08 14.72 8.83
CA GLY A 82 3.44 15.18 10.05
C GLY A 82 4.40 15.21 11.23
N LYS A 83 3.86 15.58 12.39
CA LYS A 83 4.68 15.78 13.57
C LYS A 83 4.56 14.70 14.62
N ASP A 84 3.54 13.85 14.55
CA ASP A 84 3.35 12.83 15.59
C ASP A 84 2.49 11.71 15.04
N ILE A 85 2.28 10.68 15.89
CA ILE A 85 1.61 9.47 15.45
C ILE A 85 0.18 9.76 14.99
N LYS A 86 -0.48 10.71 15.63
CA LYS A 86 -1.85 11.05 15.23
C LYS A 86 -1.94 11.75 13.90
N GLU A 87 -1.03 12.67 13.64
CA GLU A 87 -1.01 13.29 12.32
C GLU A 87 -0.67 12.28 11.25
N ARG A 88 0.22 11.33 11.56
CA ARG A 88 0.52 10.29 10.59
C ARG A 88 -0.71 9.45 10.29
N ALA A 89 -1.56 9.22 11.29
CA ALA A 89 -2.77 8.45 11.02
C ALA A 89 -3.68 9.15 10.04
N LEU A 90 -3.87 10.47 10.20
CA LEU A 90 -4.66 11.24 9.23
C LEU A 90 -4.01 11.20 7.85
N ILE A 91 -2.70 11.47 7.81
CA ILE A 91 -1.98 11.45 6.54
C ILE A 91 -2.12 10.09 5.86
N ASP A 92 -1.94 9.01 6.63
CA ASP A 92 -2.03 7.67 6.06
C ASP A 92 -3.41 7.37 5.51
N MET A 93 -4.45 7.75 6.23
CA MET A 93 -5.81 7.54 5.76
C MET A 93 -6.02 8.27 4.45
N TYR A 94 -5.61 9.54 4.39
CA TYR A 94 -5.81 10.34 3.20
C TYR A 94 -5.06 9.76 2.01
N ILE A 95 -3.76 9.44 2.19
CA ILE A 95 -2.95 9.04 1.04
C ILE A 95 -3.27 7.63 0.59
N GLU A 96 -3.86 6.79 1.45
CA GLU A 96 -4.27 5.49 0.96
C GLU A 96 -5.53 5.58 0.11
N GLY A 97 -6.43 6.53 0.41
CA GLY A 97 -7.52 6.78 -0.51
C GLY A 97 -7.02 7.33 -1.83
N ILE A 98 -6.06 8.25 -1.78
CA ILE A 98 -5.45 8.75 -3.01
C ILE A 98 -4.80 7.62 -3.80
N ALA A 99 -4.11 6.72 -3.10
CA ALA A 99 -3.47 5.58 -3.77
C ALA A 99 -4.50 4.66 -4.41
N ASP A 100 -5.63 4.43 -3.75
CA ASP A 100 -6.67 3.58 -4.33
C ASP A 100 -7.16 4.16 -5.66
N LEU A 101 -7.50 5.45 -5.67
CA LEU A 101 -7.94 6.07 -6.91
C LEU A 101 -6.80 6.18 -7.91
N GLY A 102 -5.59 6.51 -7.43
CA GLY A 102 -4.46 6.60 -8.35
C GLY A 102 -4.18 5.28 -9.04
N GLU A 103 -4.34 4.17 -8.32
CA GLU A 103 -4.11 2.84 -8.90
C GLU A 103 -5.10 2.55 -10.02
N MET A 104 -6.36 2.93 -9.83
CA MET A 104 -7.35 2.75 -10.89
C MET A 104 -6.93 3.46 -12.16
N ILE A 105 -6.47 4.70 -12.04
CA ILE A 105 -6.09 5.48 -13.20
C ILE A 105 -4.79 4.95 -13.81
N LEU A 106 -3.84 4.57 -12.94
CA LEU A 106 -2.57 4.03 -13.41
C LEU A 106 -2.76 2.87 -14.37
N LEU A 107 -3.76 2.02 -14.13
CA LEU A 107 -3.92 0.80 -14.90
C LEU A 107 -4.84 0.97 -16.11
N LEU A 108 -5.34 2.18 -16.37
CA LEU A 108 -6.19 2.36 -17.55
C LEU A 108 -5.51 1.98 -18.86
N PRO A 109 -4.26 2.36 -19.11
CA PRO A 109 -3.65 2.00 -20.40
C PRO A 109 -3.58 0.50 -20.66
N VAL A 110 -3.53 -0.33 -19.62
CA VAL A 110 -3.48 -1.78 -19.80
C VAL A 110 -4.86 -2.42 -19.72
N CYS A 111 -5.92 -1.62 -19.71
CA CYS A 111 -7.26 -2.16 -19.65
C CYS A 111 -7.65 -2.73 -21.01
N PRO A 112 -8.29 -3.91 -21.04
CA PRO A 112 -8.74 -4.46 -22.32
C PRO A 112 -9.74 -3.53 -22.99
N PRO A 113 -9.58 -3.29 -24.29
CA PRO A 113 -10.42 -2.28 -24.95
C PRO A 113 -11.91 -2.46 -24.73
N GLU A 114 -12.40 -3.70 -24.62
CA GLU A 114 -13.83 -3.90 -24.41
C GLU A 114 -14.27 -3.49 -23.02
N GLU A 115 -13.34 -3.33 -22.09
CA GLU A 115 -13.66 -2.95 -20.72
C GLU A 115 -13.35 -1.49 -20.41
N LYS A 116 -12.67 -0.78 -21.31
CA LYS A 116 -12.10 0.52 -20.97
C LYS A 116 -13.18 1.56 -20.69
N ASP A 117 -14.20 1.62 -21.55
CA ASP A 117 -15.26 2.61 -21.36
C ASP A 117 -15.95 2.43 -20.01
N ALA A 118 -16.26 1.19 -19.64
CA ALA A 118 -16.93 0.95 -18.38
C ALA A 118 -16.01 1.20 -17.20
N LYS A 119 -14.72 0.85 -17.34
CA LYS A 119 -13.76 1.14 -16.28
C LYS A 119 -13.67 2.63 -16.01
N LEU A 120 -13.57 3.43 -17.08
CA LEU A 120 -13.50 4.88 -16.93
C LEU A 120 -14.78 5.43 -16.29
N ALA A 121 -15.95 4.93 -16.72
CA ALA A 121 -17.18 5.41 -16.12
C ALA A 121 -17.22 5.13 -14.63
N LEU A 122 -16.69 3.98 -14.20
CA LEU A 122 -16.69 3.67 -12.77
C LEU A 122 -15.72 4.57 -12.01
N ILE A 123 -14.56 4.86 -12.60
CA ILE A 123 -13.60 5.76 -11.96
C ILE A 123 -14.21 7.14 -11.78
N LYS A 124 -14.90 7.65 -12.80
CA LYS A 124 -15.47 8.99 -12.70
C LYS A 124 -16.56 9.05 -11.63
N GLU A 125 -17.37 7.99 -11.52
CA GLU A 125 -18.35 7.90 -10.45
C GLU A 125 -17.69 7.99 -9.08
N LYS A 126 -16.60 7.25 -8.89
CA LYS A 126 -15.91 7.27 -7.60
C LYS A 126 -15.27 8.63 -7.33
N ILE A 127 -14.71 9.26 -8.36
CA ILE A 127 -14.16 10.60 -8.20
C ILE A 127 -15.24 11.56 -7.71
N LYS A 128 -16.39 11.56 -8.38
CA LYS A 128 -17.42 12.56 -8.11
C LYS A 128 -18.18 12.30 -6.81
N ASN A 129 -18.40 11.04 -6.45
CA ASN A 129 -19.28 10.69 -5.34
C ASN A 129 -18.56 10.17 -4.10
N ARG A 130 -17.29 9.79 -4.22
CA ARG A 130 -16.56 9.24 -3.07
C ARG A 130 -15.31 10.05 -2.74
N TYR A 131 -14.35 10.17 -3.66
CA TYR A 131 -13.04 10.69 -3.29
C TYR A 131 -13.00 12.22 -3.26
N PHE A 132 -13.49 12.87 -4.30
CA PHE A 132 -13.45 14.34 -4.27
C PHE A 132 -14.31 14.88 -3.13
N PRO A 133 -15.49 14.35 -2.87
CA PRO A 133 -16.22 14.80 -1.68
C PRO A 133 -15.46 14.59 -0.38
N ALA A 134 -14.74 13.47 -0.25
CA ALA A 134 -14.04 13.22 1.02
C ALA A 134 -12.94 14.25 1.25
N PHE A 135 -12.19 14.60 0.21
CA PHE A 135 -11.12 15.57 0.42
C PHE A 135 -11.63 16.99 0.47
N GLU A 136 -12.68 17.31 -0.28
CA GLU A 136 -13.31 18.63 -0.10
C GLU A 136 -13.78 18.81 1.34
N LYS A 137 -14.30 17.74 1.95
CA LYS A 137 -14.78 17.82 3.33
C LYS A 137 -13.65 18.06 4.32
N VAL A 138 -12.50 17.43 4.11
CA VAL A 138 -11.35 17.70 4.96
C VAL A 138 -10.98 19.18 4.88
N LEU A 139 -10.78 19.69 3.67
CA LEU A 139 -10.35 21.06 3.50
C LEU A 139 -11.38 22.05 4.05
N LYS A 140 -12.66 21.71 3.96
CA LYS A 140 -13.69 22.60 4.47
C LYS A 140 -13.75 22.58 5.99
N SER A 141 -13.42 21.44 6.61
CA SER A 141 -13.54 21.33 8.07
C SER A 141 -12.60 22.29 8.80
N HIS A 142 -11.38 22.46 8.30
CA HIS A 142 -10.43 23.33 8.98
C HIS A 142 -10.10 24.58 8.19
N GLY A 143 -10.48 24.67 6.91
CA GLY A 143 -10.25 25.84 6.09
C GLY A 143 -8.80 26.23 5.85
N GLN A 144 -7.84 25.37 6.15
CA GLN A 144 -6.44 25.75 6.04
C GLN A 144 -5.89 25.40 4.66
N ASP A 145 -4.70 25.95 4.36
CA ASP A 145 -4.09 25.78 3.05
C ASP A 145 -3.55 24.37 2.85
N TYR A 146 -3.44 23.57 3.91
CA TYR A 146 -2.82 22.26 3.86
C TYR A 146 -3.73 21.25 4.53
N LEU A 147 -3.59 19.98 4.12
CA LEU A 147 -4.54 18.96 4.57
C LEU A 147 -4.42 18.67 6.06
N VAL A 148 -3.20 18.68 6.60
CA VAL A 148 -2.95 18.20 7.97
C VAL A 148 -2.01 19.15 8.68
N GLY A 149 -2.37 19.53 9.91
CA GLY A 149 -1.47 20.24 10.79
C GLY A 149 -1.08 21.64 10.36
N ASN A 150 -1.81 22.20 9.39
CA ASN A 150 -1.53 23.55 8.85
C ASN A 150 -0.09 23.68 8.33
N LYS A 151 0.41 22.61 7.71
CA LYS A 151 1.70 22.74 7.05
C LYS A 151 1.82 21.66 5.99
N LEU A 152 2.64 21.95 4.99
CA LEU A 152 2.83 21.06 3.85
C LEU A 152 3.16 19.65 4.31
N SER A 153 2.44 18.67 3.77
CA SER A 153 2.74 17.27 4.00
C SER A 153 2.69 16.51 2.69
N ARG A 154 3.16 15.27 2.72
CA ARG A 154 3.05 14.43 1.54
C ARG A 154 1.62 14.33 1.05
N ALA A 155 0.63 14.46 1.93
CA ALA A 155 -0.76 14.32 1.49
C ALA A 155 -1.13 15.41 0.49
N ASP A 156 -0.64 16.63 0.73
CA ASP A 156 -0.91 17.73 -0.21
C ASP A 156 -0.28 17.45 -1.56
N ILE A 157 0.95 16.93 -1.55
CA ILE A 157 1.68 16.64 -2.78
C ILE A 157 0.99 15.51 -3.55
N HIS A 158 0.67 14.40 -2.86
CA HIS A 158 0.07 13.27 -3.56
C HIS A 158 -1.29 13.63 -4.13
N LEU A 159 -2.10 14.37 -3.36
CA LEU A 159 -3.41 14.75 -3.84
C LEU A 159 -3.31 15.68 -5.06
N VAL A 160 -2.43 16.67 -4.99
CA VAL A 160 -2.34 17.60 -6.11
C VAL A 160 -1.81 16.90 -7.36
N GLU A 161 -0.85 15.99 -7.21
CA GLU A 161 -0.45 15.17 -8.34
C GLU A 161 -1.66 14.48 -8.96
N LEU A 162 -2.48 13.82 -8.13
CA LEU A 162 -3.66 13.13 -8.63
C LEU A 162 -4.63 14.10 -9.31
N LEU A 163 -4.79 15.30 -8.76
CA LEU A 163 -5.71 16.26 -9.38
C LEU A 163 -5.29 16.59 -10.81
N TYR A 164 -3.98 16.67 -11.06
CA TYR A 164 -3.51 16.87 -12.43
C TYR A 164 -3.91 15.70 -13.33
N TYR A 165 -3.85 14.46 -12.81
CA TYR A 165 -4.23 13.33 -13.65
C TYR A 165 -5.73 13.30 -13.89
N VAL A 166 -6.51 13.64 -12.87
CA VAL A 166 -7.95 13.72 -13.07
C VAL A 166 -8.28 14.78 -14.11
N GLU A 167 -7.54 15.89 -14.10
CA GLU A 167 -7.75 16.93 -15.10
C GLU A 167 -7.48 16.40 -16.51
N GLU A 168 -6.45 15.56 -16.66
CA GLU A 168 -6.17 14.98 -17.97
C GLU A 168 -7.31 14.08 -18.44
N LEU A 169 -7.96 13.36 -17.51
CA LEU A 169 -9.08 12.51 -17.88
C LEU A 169 -10.29 13.35 -18.27
N ASP A 170 -10.63 14.33 -17.44
CA ASP A 170 -11.86 15.09 -17.60
C ASP A 170 -11.75 16.33 -16.73
N SER A 171 -11.53 17.49 -17.36
CA SER A 171 -11.30 18.72 -16.59
C SER A 171 -12.56 19.21 -15.89
N SER A 172 -13.72 18.64 -16.20
CA SER A 172 -14.95 19.05 -15.52
C SER A 172 -15.14 18.36 -14.17
N LEU A 173 -14.39 17.31 -13.86
CA LEU A 173 -14.69 16.54 -12.67
C LEU A 173 -14.45 17.33 -11.39
N ILE A 174 -13.49 18.26 -11.40
CA ILE A 174 -13.18 19.05 -10.21
C ILE A 174 -14.07 20.28 -10.07
N SER A 175 -14.98 20.50 -11.03
CA SER A 175 -15.67 21.79 -11.13
C SER A 175 -16.49 22.10 -9.89
N SER A 176 -17.13 21.10 -9.30
CA SER A 176 -17.97 21.34 -8.13
C SER A 176 -17.19 21.35 -6.83
N PHE A 177 -15.86 21.32 -6.89
CA PHE A 177 -15.00 21.19 -5.72
C PHE A 177 -14.02 22.36 -5.64
N PRO A 178 -14.50 23.55 -5.25
CA PRO A 178 -13.63 24.74 -5.28
C PRO A 178 -12.45 24.67 -4.35
N LEU A 179 -12.56 24.00 -3.20
CA LEU A 179 -11.43 23.91 -2.28
C LEU A 179 -10.32 23.04 -2.86
N LEU A 180 -10.67 21.99 -3.61
CA LEU A 180 -9.65 21.20 -4.30
C LEU A 180 -8.99 22.02 -5.40
N LYS A 181 -9.77 22.80 -6.14
CA LYS A 181 -9.19 23.70 -7.14
C LYS A 181 -8.20 24.66 -6.49
N ALA A 182 -8.55 25.19 -5.32
CA ALA A 182 -7.70 26.16 -4.65
C ALA A 182 -6.43 25.52 -4.14
N LEU A 183 -6.53 24.29 -3.63
CA LEU A 183 -5.33 23.56 -3.21
C LEU A 183 -4.41 23.33 -4.39
N LYS A 184 -4.96 22.89 -5.52
CA LYS A 184 -4.15 22.68 -6.71
C LYS A 184 -3.37 23.94 -7.09
N THR A 185 -4.04 25.09 -7.06
CA THR A 185 -3.37 26.33 -7.44
C THR A 185 -2.28 26.69 -6.44
N ARG A 186 -2.58 26.66 -5.14
CA ARG A 186 -1.58 27.04 -4.14
C ARG A 186 -0.36 26.13 -4.19
N ILE A 187 -0.58 24.81 -4.12
CA ILE A 187 0.56 23.89 -4.09
C ILE A 187 1.41 24.06 -5.34
N SER A 188 0.77 24.25 -6.50
CA SER A 188 1.52 24.41 -7.74
C SER A 188 2.37 25.67 -7.74
N ASN A 189 2.07 26.65 -6.89
CA ASN A 189 2.85 27.88 -6.83
C ASN A 189 3.93 27.86 -5.76
N LEU A 190 4.02 26.79 -4.97
CA LEU A 190 5.18 26.63 -4.12
C LEU A 190 6.42 26.61 -5.00
N PRO A 191 7.51 27.31 -4.59
CA PRO A 191 8.68 27.39 -5.48
C PRO A 191 9.18 26.05 -5.99
N THR A 192 9.25 25.03 -5.12
CA THR A 192 9.79 23.74 -5.52
C THR A 192 8.85 23.05 -6.51
N VAL A 193 7.56 23.09 -6.25
CA VAL A 193 6.59 22.46 -7.14
C VAL A 193 6.52 23.20 -8.47
N LYS A 194 6.57 24.52 -8.43
N LYS A 194 6.55 24.52 -8.45
CA LYS A 194 6.55 25.32 -9.63
CA LYS A 194 6.57 25.33 -9.67
C LYS A 194 7.71 24.93 -10.54
C LYS A 194 7.74 24.99 -10.57
N LYS A 195 8.90 24.80 -9.97
CA LYS A 195 10.05 24.37 -10.75
C LYS A 195 9.83 22.98 -11.36
N PHE A 196 9.22 22.08 -10.60
CA PHE A 196 8.97 20.73 -11.10
C PHE A 196 7.98 20.73 -12.25
N LEU A 197 7.00 21.65 -12.21
CA LEU A 197 6.01 21.75 -13.27
C LEU A 197 6.57 22.43 -14.51
N GLN A 198 7.65 23.18 -14.37
CA GLN A 198 8.24 23.84 -15.52
C GLN A 198 9.03 22.85 -16.36
N PRO A 199 9.27 23.17 -17.63
CA PRO A 199 10.01 22.25 -18.49
C PRO A 199 11.39 21.92 -17.95
N GLY A 200 11.91 20.77 -18.38
CA GLY A 200 13.28 20.40 -18.05
C GLY A 200 13.45 19.66 -16.73
N SER A 201 12.39 19.48 -15.97
CA SER A 201 12.46 18.75 -14.70
C SER A 201 12.32 17.26 -14.97
N PRO A 202 12.43 16.43 -13.93
CA PRO A 202 12.21 15.00 -14.10
C PRO A 202 10.74 14.62 -14.25
N ARG A 203 9.80 15.56 -14.21
CA ARG A 203 8.40 15.23 -14.37
C ARG A 203 8.17 14.56 -15.73
N LYS A 204 7.31 13.56 -15.76
CA LYS A 204 7.13 12.77 -16.98
C LYS A 204 5.75 13.01 -17.61
N PRO A 205 5.62 12.79 -18.91
CA PRO A 205 4.36 13.05 -19.60
C PRO A 205 3.42 11.87 -19.48
N PRO A 206 2.17 12.03 -19.89
CA PRO A 206 1.27 10.87 -19.96
C PRO A 206 1.83 9.84 -20.91
N MET A 207 1.58 8.58 -20.59
CA MET A 207 2.09 7.49 -21.42
C MET A 207 1.38 7.50 -22.77
N ASP A 208 2.16 7.40 -23.84
CA ASP A 208 1.60 7.29 -25.18
C ASP A 208 1.79 5.87 -25.71
N GLU A 209 1.38 5.67 -26.97
CA GLU A 209 1.44 4.33 -27.54
C GLU A 209 2.86 3.79 -27.60
N LYS A 210 3.81 4.64 -28.01
CA LYS A 210 5.20 4.22 -28.11
C LYS A 210 5.78 3.90 -26.74
N SER A 211 5.38 4.64 -25.70
CA SER A 211 5.85 4.35 -24.37
C SER A 211 5.26 3.05 -23.84
N LEU A 212 3.99 2.79 -24.17
CA LEU A 212 3.40 1.51 -23.78
C LEU A 212 4.09 0.36 -24.49
N GLU A 213 4.46 0.57 -25.76
CA GLU A 213 5.18 -0.47 -26.48
C GLU A 213 6.53 -0.77 -25.83
N GLU A 214 7.23 0.28 -25.39
CA GLU A 214 8.49 0.08 -24.68
C GLU A 214 8.26 -0.72 -23.40
N ALA A 215 7.21 -0.38 -22.65
CA ALA A 215 6.95 -1.08 -21.40
C ALA A 215 6.71 -2.57 -21.63
N ARG A 216 5.93 -2.90 -22.66
CA ARG A 216 5.69 -4.31 -22.97
C ARG A 216 6.99 -5.03 -23.30
N LYS A 217 7.92 -4.34 -23.97
CA LYS A 217 9.19 -5.01 -24.30
C LYS A 217 10.06 -5.17 -23.07
N ILE A 218 10.13 -4.14 -22.22
CA ILE A 218 11.01 -4.19 -21.06
C ILE A 218 10.50 -5.20 -20.05
N PHE A 219 9.20 -5.17 -19.77
CA PHE A 219 8.62 -6.00 -18.71
C PHE A 219 8.00 -7.28 -19.25
N ARG A 220 8.08 -7.51 -20.55
CA ARG A 220 7.62 -8.75 -21.19
C ARG A 220 6.18 -9.08 -20.78
N PHE A 221 5.27 -8.23 -21.22
CA PHE A 221 3.85 -8.49 -21.05
C PHE A 221 3.06 -7.98 -22.26
N LYS B 3 -11.01 -0.24 24.72
CA LYS B 3 -10.17 -1.13 23.94
C LYS B 3 -10.54 -0.96 22.47
N PRO B 4 -9.61 -1.21 21.56
CA PRO B 4 -9.91 -1.00 20.14
C PRO B 4 -11.13 -1.79 19.71
N LYS B 5 -11.94 -1.18 18.86
CA LYS B 5 -13.17 -1.79 18.34
C LYS B 5 -13.02 -1.97 16.83
N LEU B 6 -13.14 -3.20 16.36
CA LEU B 6 -12.91 -3.55 14.95
C LEU B 6 -14.24 -3.67 14.24
N HIS B 7 -14.47 -2.83 13.24
CA HIS B 7 -15.69 -2.86 12.43
C HIS B 7 -15.40 -3.53 11.09
N TYR B 8 -16.01 -4.68 10.87
CA TYR B 8 -15.85 -5.48 9.66
C TYR B 8 -16.94 -6.55 9.72
N PHE B 9 -17.03 -7.36 8.68
CA PHE B 9 -17.92 -8.52 8.79
C PHE B 9 -17.14 -9.71 9.33
N ASN B 10 -17.87 -10.81 9.57
CA ASN B 10 -17.29 -11.97 10.25
C ASN B 10 -16.54 -12.83 9.23
N ALA B 11 -15.32 -12.41 8.95
CA ALA B 11 -14.47 -13.06 7.96
C ALA B 11 -13.07 -12.48 8.08
N ARG B 12 -12.10 -13.14 7.44
CA ARG B 12 -10.73 -12.63 7.40
C ARG B 12 -10.66 -11.29 6.67
N GLY B 13 -10.87 -11.34 5.36
CA GLY B 13 -10.83 -10.15 4.52
C GLY B 13 -9.66 -9.26 4.84
N ARG B 14 -9.88 -7.96 4.77
CA ARG B 14 -8.86 -6.95 5.01
C ARG B 14 -8.69 -6.61 6.49
N MET B 15 -9.42 -7.26 7.40
CA MET B 15 -9.25 -7.01 8.83
C MET B 15 -8.33 -8.02 9.52
N GLU B 16 -8.07 -9.17 8.89
CA GLU B 16 -7.39 -10.25 9.59
C GLU B 16 -5.97 -9.86 10.00
N SER B 17 -5.25 -9.11 9.15
CA SER B 17 -3.88 -8.78 9.56
C SER B 17 -3.88 -7.87 10.78
N THR B 18 -4.94 -7.06 10.98
CA THR B 18 -5.07 -6.23 12.18
C THR B 18 -5.37 -7.08 13.41
N ARG B 19 -6.23 -8.10 13.26
CA ARG B 19 -6.45 -9.06 14.35
C ARG B 19 -5.13 -9.72 14.77
N TRP B 20 -4.34 -10.16 13.79
CA TRP B 20 -3.02 -10.72 14.08
C TRP B 20 -2.15 -9.74 14.85
N LEU B 21 -2.05 -8.48 14.37
CA LEU B 21 -1.08 -7.57 14.97
C LEU B 21 -1.46 -7.21 16.40
N LEU B 22 -2.74 -6.92 16.65
CA LEU B 22 -3.17 -6.61 18.00
C LEU B 22 -3.01 -7.80 18.93
N ALA B 23 -3.38 -8.98 18.46
CA ALA B 23 -3.21 -10.20 19.25
C ALA B 23 -1.75 -10.42 19.60
N ALA B 24 -0.86 -10.26 18.61
CA ALA B 24 0.57 -10.46 18.86
C ALA B 24 1.09 -9.45 19.88
N ALA B 25 0.56 -8.24 19.85
CA ALA B 25 0.99 -7.21 20.80
C ALA B 25 0.38 -7.41 22.18
N GLY B 26 -0.48 -8.41 22.36
CA GLY B 26 -1.12 -8.64 23.64
C GLY B 26 -2.19 -7.64 23.98
N VAL B 27 -2.82 -7.04 22.96
CA VAL B 27 -3.83 -6.02 23.15
C VAL B 27 -5.19 -6.66 22.93
N GLU B 28 -6.02 -6.69 23.98
CA GLU B 28 -7.38 -7.18 23.82
C GLU B 28 -8.21 -6.20 22.99
N PHE B 29 -9.09 -6.73 22.15
CA PHE B 29 -9.93 -5.88 21.33
C PHE B 29 -11.34 -6.44 21.26
N GLU B 30 -12.27 -5.59 20.84
CA GLU B 30 -13.66 -5.97 20.60
C GLU B 30 -13.96 -5.90 19.12
N GLU B 31 -14.89 -6.72 18.68
CA GLU B 31 -15.34 -6.72 17.29
C GLU B 31 -16.83 -6.40 17.23
N LYS B 32 -17.19 -5.48 16.35
CA LYS B 32 -18.59 -5.19 16.05
C LYS B 32 -18.83 -5.68 14.62
N PHE B 33 -19.57 -6.78 14.50
CA PHE B 33 -19.72 -7.45 13.22
C PHE B 33 -20.84 -6.82 12.41
N ILE B 34 -20.50 -6.37 11.21
CA ILE B 34 -21.45 -5.96 10.20
C ILE B 34 -22.18 -7.20 9.69
N LYS B 35 -23.51 -7.22 9.82
CA LYS B 35 -24.27 -8.36 9.37
C LYS B 35 -25.19 -8.07 8.19
N SER B 36 -25.26 -6.83 7.72
CA SER B 36 -26.17 -6.51 6.63
C SER B 36 -25.69 -5.25 5.92
N ALA B 37 -26.17 -5.09 4.69
CA ALA B 37 -25.93 -3.84 3.98
C ALA B 37 -26.44 -2.66 4.78
N GLU B 38 -27.52 -2.84 5.54
CA GLU B 38 -28.04 -1.74 6.34
C GLU B 38 -27.08 -1.36 7.46
N ASP B 39 -26.44 -2.34 8.09
CA ASP B 39 -25.41 -2.04 9.08
C ASP B 39 -24.31 -1.19 8.46
N LEU B 40 -23.90 -1.52 7.24
CA LEU B 40 -22.84 -0.78 6.58
C LEU B 40 -23.31 0.63 6.24
N ASP B 41 -24.55 0.75 5.77
CA ASP B 41 -25.07 2.06 5.44
C ASP B 41 -25.24 2.92 6.69
N LYS B 42 -25.52 2.30 7.84
CA LYS B 42 -25.58 3.08 9.07
C LYS B 42 -24.21 3.64 9.44
N LEU B 43 -23.16 2.82 9.32
CA LEU B 43 -21.81 3.33 9.53
C LEU B 43 -21.51 4.49 8.60
N ARG B 44 -21.85 4.35 7.32
CA ARG B 44 -21.63 5.43 6.37
C ARG B 44 -22.43 6.68 6.76
N ASN B 45 -23.73 6.51 7.02
CA ASN B 45 -24.59 7.66 7.24
C ASN B 45 -24.22 8.40 8.52
N ASP B 46 -23.70 7.70 9.53
CA ASP B 46 -23.29 8.32 10.77
C ASP B 46 -21.95 9.03 10.66
N GLY B 47 -21.30 8.98 9.50
CA GLY B 47 -20.05 9.68 9.29
C GLY B 47 -18.81 8.95 9.76
N TYR B 48 -18.89 7.64 9.99
CA TYR B 48 -17.80 6.88 10.58
C TYR B 48 -16.72 6.47 9.56
N LEU B 49 -17.02 6.50 8.26
CA LEU B 49 -16.13 5.93 7.25
C LEU B 49 -15.72 6.99 6.23
N MET B 50 -14.46 7.42 6.26
CA MET B 50 -14.04 8.54 5.42
C MET B 50 -14.32 8.29 3.94
N PHE B 51 -14.06 7.07 3.47
CA PHE B 51 -14.26 6.71 2.08
C PHE B 51 -15.41 5.72 1.91
N GLN B 52 -16.26 5.60 2.92
CA GLN B 52 -17.46 4.76 2.89
C GLN B 52 -17.13 3.28 2.84
N GLN B 53 -15.92 2.91 3.27
CA GLN B 53 -15.43 1.55 3.27
C GLN B 53 -15.03 1.13 4.68
N VAL B 54 -15.04 -0.18 4.91
CA VAL B 54 -14.37 -0.77 6.06
C VAL B 54 -13.21 -1.61 5.50
N PRO B 55 -12.26 -2.06 6.32
CA PRO B 55 -12.12 -1.93 7.79
C PRO B 55 -12.21 -0.52 8.36
N MET B 56 -12.73 -0.42 9.57
CA MET B 56 -12.59 0.76 10.41
C MET B 56 -12.29 0.29 11.83
N VAL B 57 -11.37 0.98 12.49
CA VAL B 57 -11.02 0.68 13.87
C VAL B 57 -11.18 1.93 14.71
N GLU B 58 -11.95 1.82 15.80
CA GLU B 58 -12.05 2.88 16.79
C GLU B 58 -10.93 2.66 17.81
N ILE B 59 -9.99 3.60 17.85
CA ILE B 59 -8.85 3.47 18.75
C ILE B 59 -8.37 4.87 19.12
N ASP B 60 -8.18 5.09 20.43
CA ASP B 60 -7.64 6.35 20.93
C ASP B 60 -8.42 7.56 20.40
N GLY B 61 -9.74 7.42 20.33
CA GLY B 61 -10.61 8.51 19.96
C GLY B 61 -10.74 8.77 18.48
N MET B 62 -10.02 8.03 17.64
CA MET B 62 -10.10 8.19 16.19
C MET B 62 -10.93 7.08 15.58
N LYS B 63 -11.54 7.38 14.44
CA LYS B 63 -12.21 6.39 13.60
C LYS B 63 -11.34 6.19 12.36
N LEU B 64 -10.46 5.18 12.42
CA LEU B 64 -9.46 4.99 11.38
C LEU B 64 -9.98 4.02 10.32
N VAL B 65 -9.94 4.46 9.07
CA VAL B 65 -10.16 3.55 7.94
C VAL B 65 -8.85 3.42 7.18
N GLN B 66 -8.83 2.57 6.15
CA GLN B 66 -7.67 2.16 5.35
C GLN B 66 -6.74 1.22 6.12
N THR B 67 -6.66 -0.04 5.65
CA THR B 67 -5.85 -1.06 6.30
C THR B 67 -4.49 -0.54 6.75
N ARG B 68 -3.79 0.14 5.85
CA ARG B 68 -2.42 0.55 6.17
C ARG B 68 -2.39 1.69 7.19
N ALA B 69 -3.39 2.58 7.18
CA ALA B 69 -3.46 3.60 8.23
C ALA B 69 -3.68 2.94 9.58
N ILE B 70 -4.58 1.97 9.64
CA ILE B 70 -4.87 1.25 10.88
C ILE B 70 -3.63 0.53 11.37
N LEU B 71 -3.01 -0.26 10.50
CA LEU B 71 -1.84 -1.04 10.90
C LEU B 71 -0.67 -0.15 11.29
N ASN B 72 -0.44 0.93 10.53
CA ASN B 72 0.70 1.79 10.83
C ASN B 72 0.56 2.43 12.21
N TYR B 73 -0.65 2.85 12.58
CA TYR B 73 -0.85 3.43 13.90
C TYR B 73 -0.61 2.40 15.00
N ILE B 74 -1.23 1.24 14.88
CA ILE B 74 -1.05 0.17 15.87
C ILE B 74 0.42 -0.22 15.98
N ALA B 75 1.09 -0.39 14.83
CA ALA B 75 2.48 -0.80 14.89
C ALA B 75 3.35 0.26 15.58
N SER B 76 3.11 1.55 15.30
CA SER B 76 3.89 2.59 15.95
C SER B 76 3.59 2.65 17.44
N LYS B 77 2.31 2.56 17.80
CA LYS B 77 1.94 2.70 19.20
C LYS B 77 2.60 1.63 20.06
N TYR B 78 2.72 0.41 19.53
CA TYR B 78 3.22 -0.72 20.31
C TYR B 78 4.66 -1.08 19.96
N ASN B 79 5.40 -0.15 19.34
CA ASN B 79 6.83 -0.31 19.11
CA ASN B 79 6.83 -0.30 19.10
C ASN B 79 7.13 -1.53 18.26
N LEU B 80 6.31 -1.76 17.23
CA LEU B 80 6.51 -2.88 16.30
C LEU B 80 6.81 -2.38 14.89
N TYR B 81 7.25 -1.13 14.76
CA TYR B 81 7.52 -0.54 13.46
C TYR B 81 8.97 -0.09 13.34
N GLY B 82 9.87 -0.65 14.13
CA GLY B 82 11.28 -0.27 14.08
C GLY B 82 11.62 0.86 15.04
N LYS B 83 12.91 1.00 15.32
CA LYS B 83 13.34 2.03 16.26
C LYS B 83 13.85 3.29 15.58
N ASP B 84 13.97 3.30 14.25
CA ASP B 84 14.31 4.51 13.52
C ASP B 84 13.77 4.37 12.10
N ILE B 85 13.90 5.44 11.31
CA ILE B 85 13.21 5.41 10.02
C ILE B 85 13.90 4.50 9.02
N LYS B 86 15.17 4.15 9.21
CA LYS B 86 15.80 3.18 8.34
C LYS B 86 15.29 1.76 8.63
N GLU B 87 15.14 1.41 9.89
CA GLU B 87 14.50 0.14 10.20
C GLU B 87 13.08 0.10 9.65
N ARG B 88 12.35 1.21 9.79
CA ARG B 88 11.00 1.25 9.22
C ARG B 88 11.03 1.06 7.71
N ALA B 89 12.02 1.63 7.02
CA ALA B 89 12.12 1.42 5.57
C ALA B 89 12.27 -0.05 5.22
N LEU B 90 13.13 -0.78 5.94
CA LEU B 90 13.25 -2.22 5.71
C LEU B 90 11.95 -2.96 6.02
N ILE B 91 11.33 -2.65 7.16
CA ILE B 91 10.04 -3.23 7.48
C ILE B 91 9.03 -2.97 6.37
N ASP B 92 8.90 -1.71 5.94
CA ASP B 92 7.93 -1.40 4.89
C ASP B 92 8.24 -2.15 3.60
N MET B 93 9.50 -2.20 3.19
CA MET B 93 9.83 -2.94 1.98
C MET B 93 9.38 -4.39 2.10
N TYR B 94 9.72 -5.02 3.22
CA TYR B 94 9.35 -6.41 3.42
C TYR B 94 7.84 -6.60 3.43
N ILE B 95 7.12 -5.77 4.20
CA ILE B 95 5.69 -6.02 4.33
C ILE B 95 4.92 -5.61 3.09
N GLU B 96 5.46 -4.73 2.23
CA GLU B 96 4.73 -4.44 1.01
C GLU B 96 4.84 -5.59 0.01
N GLY B 97 5.93 -6.36 0.05
CA GLY B 97 5.96 -7.59 -0.73
C GLY B 97 4.99 -8.62 -0.19
N ILE B 98 4.90 -8.72 1.13
CA ILE B 98 3.90 -9.59 1.75
C ILE B 98 2.49 -9.14 1.35
N ALA B 99 2.27 -7.82 1.27
CA ALA B 99 0.98 -7.30 0.88
C ALA B 99 0.64 -7.65 -0.57
N ASP B 100 1.64 -7.60 -1.47
CA ASP B 100 1.38 -7.95 -2.86
C ASP B 100 0.93 -9.39 -2.99
N LEU B 101 1.68 -10.30 -2.38
CA LEU B 101 1.31 -11.71 -2.42
C LEU B 101 -0.01 -11.94 -1.67
N GLY B 102 -0.14 -11.34 -0.48
CA GLY B 102 -1.37 -11.48 0.27
C GLY B 102 -2.60 -11.00 -0.48
N GLU B 103 -2.46 -9.93 -1.27
CA GLU B 103 -3.60 -9.42 -2.03
C GLU B 103 -4.04 -10.42 -3.08
N MET B 104 -3.09 -11.08 -3.74
CA MET B 104 -3.44 -12.11 -4.71
C MET B 104 -4.24 -13.24 -4.05
N ILE B 105 -3.85 -13.62 -2.84
CA ILE B 105 -4.53 -14.68 -2.12
C ILE B 105 -5.88 -14.19 -1.59
N LEU B 106 -5.91 -12.97 -1.05
CA LEU B 106 -7.12 -12.39 -0.52
C LEU B 106 -8.27 -12.44 -1.53
N LEU B 107 -7.96 -12.18 -2.79
CA LEU B 107 -8.96 -12.02 -3.83
C LEU B 107 -9.30 -13.32 -4.55
N LEU B 108 -8.70 -14.45 -4.19
CA LEU B 108 -9.08 -15.71 -4.80
C LEU B 108 -10.57 -15.99 -4.74
N PRO B 109 -11.27 -15.75 -3.62
CA PRO B 109 -12.72 -16.05 -3.58
C PRO B 109 -13.52 -15.25 -4.59
N VAL B 110 -12.99 -14.15 -5.11
CA VAL B 110 -13.70 -13.33 -6.10
C VAL B 110 -13.00 -13.36 -7.46
N CYS B 111 -12.05 -14.27 -7.64
CA CYS B 111 -11.37 -14.35 -8.92
C CYS B 111 -12.37 -14.80 -9.99
N PRO B 112 -12.33 -14.20 -11.19
CA PRO B 112 -13.14 -14.72 -12.30
C PRO B 112 -12.84 -16.18 -12.51
N PRO B 113 -13.85 -17.05 -12.45
CA PRO B 113 -13.59 -18.51 -12.49
C PRO B 113 -12.74 -18.93 -13.67
N GLU B 114 -12.88 -18.27 -14.82
CA GLU B 114 -12.11 -18.64 -16.00
C GLU B 114 -10.63 -18.28 -15.86
N GLU B 115 -10.27 -17.44 -14.89
CA GLU B 115 -8.89 -17.05 -14.65
C GLU B 115 -8.29 -17.73 -13.43
N LYS B 116 -9.06 -18.54 -12.71
CA LYS B 116 -8.61 -19.02 -11.41
C LYS B 116 -7.46 -19.99 -11.54
N ASP B 117 -7.49 -20.90 -12.53
CA ASP B 117 -6.39 -21.83 -12.69
C ASP B 117 -5.08 -21.09 -12.95
N ALA B 118 -5.14 -20.04 -13.77
CA ALA B 118 -3.94 -19.26 -14.06
C ALA B 118 -3.48 -18.47 -12.84
N LYS B 119 -4.42 -17.90 -12.09
CA LYS B 119 -4.03 -17.12 -10.93
C LYS B 119 -3.43 -18.01 -9.83
N LEU B 120 -4.01 -19.18 -9.61
CA LEU B 120 -3.42 -20.10 -8.64
C LEU B 120 -2.01 -20.51 -9.07
N ALA B 121 -1.83 -20.83 -10.35
CA ALA B 121 -0.49 -21.21 -10.82
C ALA B 121 0.48 -20.06 -10.63
N LEU B 122 0.06 -18.83 -10.94
CA LEU B 122 0.92 -17.66 -10.78
C LEU B 122 1.29 -17.45 -9.32
N ILE B 123 0.32 -17.60 -8.41
CA ILE B 123 0.61 -17.42 -6.98
C ILE B 123 1.67 -18.41 -6.52
N LYS B 124 1.51 -19.68 -6.90
CA LYS B 124 2.46 -20.69 -6.45
C LYS B 124 3.85 -20.44 -7.04
N GLU B 125 3.91 -20.07 -8.33
CA GLU B 125 5.20 -19.79 -8.95
C GLU B 125 5.89 -18.59 -8.29
N LYS B 126 5.13 -17.54 -8.01
CA LYS B 126 5.72 -16.38 -7.35
C LYS B 126 6.15 -16.70 -5.92
N ILE B 127 5.39 -17.53 -5.21
CA ILE B 127 5.85 -17.95 -3.89
C ILE B 127 7.20 -18.65 -4.01
N LYS B 128 7.31 -19.60 -4.93
CA LYS B 128 8.49 -20.44 -5.00
C LYS B 128 9.71 -19.67 -5.50
N ASN B 129 9.51 -18.77 -6.47
CA ASN B 129 10.62 -18.17 -7.18
C ASN B 129 10.91 -16.73 -6.78
N ARG B 130 9.97 -16.06 -6.12
CA ARG B 130 10.13 -14.63 -5.85
C ARG B 130 10.03 -14.35 -4.36
N TYR B 131 8.92 -14.67 -3.70
CA TYR B 131 8.71 -14.18 -2.34
C TYR B 131 9.43 -15.01 -1.29
N PHE B 132 9.29 -16.34 -1.31
CA PHE B 132 9.99 -17.11 -0.29
C PHE B 132 11.51 -16.98 -0.44
N PRO B 133 12.10 -17.03 -1.65
CA PRO B 133 13.54 -16.77 -1.74
C PRO B 133 13.93 -15.42 -1.19
N ALA B 134 13.10 -14.39 -1.40
CA ALA B 134 13.47 -13.06 -0.93
C ALA B 134 13.58 -13.03 0.58
N PHE B 135 12.65 -13.67 1.29
CA PHE B 135 12.69 -13.60 2.75
C PHE B 135 13.69 -14.59 3.34
N GLU B 136 13.87 -15.73 2.69
CA GLU B 136 14.94 -16.63 3.11
C GLU B 136 16.29 -15.94 3.02
N LYS B 137 16.49 -15.14 1.97
CA LYS B 137 17.76 -14.42 1.79
C LYS B 137 18.00 -13.43 2.92
N VAL B 138 16.95 -12.69 3.32
CA VAL B 138 17.10 -11.74 4.42
C VAL B 138 17.51 -12.45 5.70
N LEU B 139 16.81 -13.54 6.04
CA LEU B 139 17.12 -14.26 7.27
C LEU B 139 18.54 -14.82 7.23
N LYS B 140 18.96 -15.34 6.07
CA LYS B 140 20.32 -15.87 5.93
C LYS B 140 21.37 -14.75 6.03
N SER B 141 21.02 -13.53 5.60
CA SER B 141 21.97 -12.43 5.57
C SER B 141 22.52 -12.10 6.95
N HIS B 142 21.67 -12.09 7.97
CA HIS B 142 22.10 -11.66 9.29
C HIS B 142 22.02 -12.75 10.34
N GLY B 143 21.38 -13.87 10.05
CA GLY B 143 21.29 -14.96 10.99
C GLY B 143 20.56 -14.64 12.28
N GLN B 144 19.81 -13.55 12.34
CA GLN B 144 19.13 -13.16 13.56
C GLN B 144 17.73 -13.74 13.61
N ASP B 145 17.14 -13.73 14.82
CA ASP B 145 15.86 -14.39 15.04
C ASP B 145 14.70 -13.61 14.44
N TYR B 146 14.91 -12.35 14.09
CA TYR B 146 13.87 -11.45 13.63
CA TYR B 146 13.85 -11.49 13.60
C TYR B 146 14.28 -10.83 12.30
N LEU B 147 13.29 -10.43 11.50
CA LEU B 147 13.60 -9.91 10.17
C LEU B 147 14.40 -8.60 10.22
N VAL B 148 14.03 -7.67 11.11
CA VAL B 148 14.59 -6.32 11.10
C VAL B 148 14.95 -5.90 12.52
N GLY B 149 16.14 -5.33 12.68
CA GLY B 149 16.49 -4.65 13.91
C GLY B 149 16.71 -5.55 15.11
N ASN B 150 16.80 -6.85 14.90
CA ASN B 150 17.06 -7.80 15.97
C ASN B 150 16.01 -7.69 17.07
N LYS B 151 14.76 -7.47 16.66
CA LYS B 151 13.66 -7.28 17.59
C LYS B 151 12.38 -7.63 16.86
N LEU B 152 11.43 -8.24 17.57
CA LEU B 152 10.14 -8.53 16.96
C LEU B 152 9.55 -7.26 16.34
N SER B 153 9.04 -7.38 15.11
CA SER B 153 8.36 -6.27 14.46
C SER B 153 7.15 -6.80 13.73
N ARG B 154 6.35 -5.89 13.20
CA ARG B 154 5.22 -6.28 12.39
C ARG B 154 5.63 -7.08 11.16
N ALA B 155 6.88 -6.95 10.71
CA ALA B 155 7.29 -7.75 9.57
C ALA B 155 7.25 -9.23 9.90
N ASP B 156 7.72 -9.60 11.08
CA ASP B 156 7.67 -11.00 11.50
C ASP B 156 6.23 -11.49 11.59
N ILE B 157 5.36 -10.67 12.16
CA ILE B 157 3.97 -11.06 12.36
C ILE B 157 3.26 -11.19 11.02
N HIS B 158 3.42 -10.19 10.14
CA HIS B 158 2.75 -10.26 8.85
C HIS B 158 3.27 -11.43 8.03
N LEU B 159 4.58 -11.69 8.08
CA LEU B 159 5.13 -12.79 7.30
C LEU B 159 4.61 -14.13 7.79
N VAL B 160 4.57 -14.34 9.10
CA VAL B 160 4.14 -15.62 9.63
C VAL B 160 2.65 -15.85 9.36
N GLU B 161 1.83 -14.80 9.50
CA GLU B 161 0.44 -14.90 9.05
C GLU B 161 0.37 -15.42 7.61
N LEU B 162 1.17 -14.82 6.72
CA LEU B 162 1.14 -15.27 5.32
C LEU B 162 1.59 -16.71 5.20
N LEU B 163 2.59 -17.13 5.98
CA LEU B 163 3.05 -18.52 5.91
C LEU B 163 1.93 -19.50 6.22
N TYR B 164 1.04 -19.15 7.14
CA TYR B 164 -0.09 -20.05 7.42
C TYR B 164 -1.04 -20.12 6.23
N TYR B 165 -1.24 -19.00 5.53
CA TYR B 165 -2.11 -19.05 4.35
C TYR B 165 -1.48 -19.86 3.23
N VAL B 166 -0.16 -19.72 3.04
CA VAL B 166 0.50 -20.52 2.03
C VAL B 166 0.38 -22.01 2.36
N GLU B 167 0.50 -22.36 3.65
CA GLU B 167 0.32 -23.76 4.06
C GLU B 167 -1.07 -24.28 3.70
N GLU B 168 -2.10 -23.45 3.92
CA GLU B 168 -3.44 -23.84 3.50
C GLU B 168 -3.50 -24.07 2.00
N LEU B 169 -2.76 -23.29 1.23
CA LEU B 169 -2.80 -23.40 -0.22
C LEU B 169 -2.04 -24.63 -0.70
N ASP B 170 -0.85 -24.86 -0.15
CA ASP B 170 0.02 -25.95 -0.58
C ASP B 170 1.13 -26.12 0.45
N SER B 171 1.04 -27.17 1.27
CA SER B 171 1.97 -27.33 2.38
C SER B 171 3.39 -27.64 1.92
N SER B 172 3.60 -27.94 0.64
CA SER B 172 4.94 -28.24 0.16
C SER B 172 5.75 -27.00 -0.18
N LEU B 173 5.13 -25.82 -0.29
CA LEU B 173 5.84 -24.68 -0.87
C LEU B 173 6.97 -24.19 0.04
N ILE B 174 6.77 -24.24 1.37
CA ILE B 174 7.82 -23.82 2.30
C ILE B 174 8.91 -24.85 2.49
N SER B 175 8.80 -26.03 1.86
CA SER B 175 9.64 -27.15 2.26
C SER B 175 11.13 -26.90 2.03
N SER B 176 11.48 -26.12 1.01
CA SER B 176 12.90 -25.88 0.71
C SER B 176 13.43 -24.61 1.34
N PHE B 177 12.73 -24.04 2.34
CA PHE B 177 13.10 -22.78 2.97
C PHE B 177 13.23 -22.99 4.47
N PRO B 178 14.36 -23.56 4.92
CA PRO B 178 14.49 -23.91 6.34
C PRO B 178 14.46 -22.72 7.27
N LEU B 179 14.98 -21.55 6.87
CA LEU B 179 14.94 -20.40 7.77
C LEU B 179 13.52 -19.84 7.91
N LEU B 180 12.70 -19.93 6.86
CA LEU B 180 11.29 -19.54 6.99
C LEU B 180 10.55 -20.48 7.92
N LYS B 181 10.79 -21.78 7.76
CA LYS B 181 10.17 -22.75 8.65
C LYS B 181 10.52 -22.46 10.10
N ALA B 182 11.79 -22.14 10.37
CA ALA B 182 12.23 -21.85 11.74
C ALA B 182 11.59 -20.58 12.27
N LEU B 183 11.54 -19.52 11.44
CA LEU B 183 10.81 -18.32 11.85
C LEU B 183 9.37 -18.65 12.21
N LYS B 184 8.68 -19.39 11.35
CA LYS B 184 7.29 -19.74 11.63
C LYS B 184 7.16 -20.39 13.01
N THR B 185 8.09 -21.29 13.35
CA THR B 185 8.00 -21.98 14.64
C THR B 185 8.30 -21.04 15.80
N ARG B 186 9.36 -20.23 15.68
CA ARG B 186 9.69 -19.31 16.76
C ARG B 186 8.54 -18.34 17.03
N ILE B 187 8.05 -17.68 15.98
CA ILE B 187 7.00 -16.68 16.15
C ILE B 187 5.73 -17.33 16.69
N SER B 188 5.38 -18.50 16.18
CA SER B 188 4.15 -19.16 16.61
C SER B 188 4.19 -19.55 18.08
N ASN B 189 5.38 -19.66 18.66
CA ASN B 189 5.53 -20.07 20.04
C ASN B 189 5.69 -18.89 20.99
N LEU B 190 5.72 -17.67 20.48
CA LEU B 190 5.60 -16.52 21.36
C LEU B 190 4.26 -16.61 22.10
N PRO B 191 4.22 -16.39 23.41
CA PRO B 191 2.97 -16.62 24.14
C PRO B 191 1.75 -15.95 23.52
N THR B 192 1.86 -14.68 23.11
CA THR B 192 0.70 -13.98 22.58
C THR B 192 0.25 -14.56 21.24
N VAL B 193 1.21 -14.92 20.37
CA VAL B 193 0.83 -15.49 19.08
C VAL B 193 0.27 -16.88 19.24
N LYS B 194 0.89 -17.69 20.09
CA LYS B 194 0.40 -19.04 20.35
C LYS B 194 -1.04 -19.03 20.83
N LYS B 195 -1.38 -18.07 21.71
CA LYS B 195 -2.76 -17.98 22.17
C LYS B 195 -3.71 -17.64 21.03
N PHE B 196 -3.29 -16.74 20.14
CA PHE B 196 -4.14 -16.40 19.00
C PHE B 196 -4.31 -17.57 18.04
N LEU B 197 -3.33 -18.46 17.97
CA LEU B 197 -3.41 -19.60 17.06
C LEU B 197 -4.24 -20.74 17.63
N GLN B 198 -4.48 -20.75 18.91
CA GLN B 198 -5.22 -21.85 19.51
C GLN B 198 -6.72 -21.71 19.25
N PRO B 199 -7.45 -22.82 19.28
CA PRO B 199 -8.89 -22.77 19.02
C PRO B 199 -9.58 -21.79 19.96
N GLY B 200 -10.67 -21.19 19.47
CA GLY B 200 -11.47 -20.30 20.28
C GLY B 200 -11.05 -18.84 20.28
N SER B 201 -9.93 -18.50 19.66
CA SER B 201 -9.48 -17.12 19.57
C SER B 201 -10.30 -16.37 18.53
N PRO B 202 -10.07 -15.05 18.40
CA PRO B 202 -10.71 -14.29 17.32
C PRO B 202 -10.13 -14.56 15.93
N ARG B 203 -9.11 -15.39 15.80
CA ARG B 203 -8.62 -15.77 14.49
C ARG B 203 -9.76 -16.32 13.63
N LYS B 204 -9.81 -15.92 12.39
CA LYS B 204 -10.91 -16.23 11.49
C LYS B 204 -10.52 -17.32 10.49
N PRO B 205 -11.49 -18.12 10.04
CA PRO B 205 -11.18 -19.25 9.14
C PRO B 205 -11.12 -18.80 7.69
N PRO B 206 -10.65 -19.68 6.79
CA PRO B 206 -10.76 -19.38 5.36
C PRO B 206 -12.20 -19.13 4.97
N MET B 207 -12.40 -18.22 4.03
CA MET B 207 -13.77 -17.90 3.60
CA MET B 207 -13.76 -17.89 3.58
C MET B 207 -14.37 -19.09 2.86
N ASP B 208 -15.59 -19.44 3.25
CA ASP B 208 -16.33 -20.50 2.58
C ASP B 208 -17.47 -19.88 1.77
N GLU B 209 -18.28 -20.75 1.15
CA GLU B 209 -19.36 -20.27 0.30
C GLU B 209 -20.35 -19.40 1.09
N LYS B 210 -20.75 -19.88 2.27
CA LYS B 210 -21.67 -19.11 3.09
C LYS B 210 -21.13 -17.72 3.39
N SER B 211 -19.84 -17.64 3.72
CA SER B 211 -19.25 -16.35 4.06
C SER B 211 -19.15 -15.45 2.85
N LEU B 212 -18.81 -16.01 1.68
CA LEU B 212 -18.76 -15.22 0.46
C LEU B 212 -20.11 -14.62 0.15
N GLU B 213 -21.18 -15.38 0.35
CA GLU B 213 -22.52 -14.86 0.08
C GLU B 213 -22.90 -13.77 1.07
N GLU B 214 -22.48 -13.88 2.32
CA GLU B 214 -22.71 -12.80 3.27
C GLU B 214 -22.00 -11.53 2.80
N ALA B 215 -20.81 -11.68 2.22
CA ALA B 215 -20.10 -10.50 1.70
C ALA B 215 -20.85 -9.88 0.53
N ARG B 216 -21.37 -10.70 -0.38
CA ARG B 216 -22.12 -10.15 -1.51
C ARG B 216 -23.38 -9.43 -1.03
N LYS B 217 -24.02 -9.96 0.01
CA LYS B 217 -25.21 -9.31 0.55
C LYS B 217 -24.85 -7.99 1.22
N ILE B 218 -23.78 -7.98 2.02
CA ILE B 218 -23.42 -6.78 2.77
C ILE B 218 -22.93 -5.68 1.84
N PHE B 219 -22.04 -6.02 0.91
CA PHE B 219 -21.39 -5.02 0.08
C PHE B 219 -22.06 -4.87 -1.29
N ARG B 220 -23.17 -5.56 -1.53
CA ARG B 220 -23.96 -5.41 -2.75
C ARG B 220 -23.10 -5.55 -4.01
N PHE B 221 -22.54 -6.74 -4.20
CA PHE B 221 -21.79 -7.02 -5.41
C PHE B 221 -21.97 -8.47 -5.86
N1 GSH C . 3.89 -3.15 -5.06
CA1 GSH C . 5.04 -2.84 -5.93
C1 GSH C . 5.36 -1.38 -5.74
O11 GSH C . 6.47 -0.95 -6.00
O12 GSH C . 4.39 -0.56 -5.34
CB1 GSH C . 4.67 -3.17 -7.39
CG1 GSH C . 5.88 -2.95 -8.29
CD1 GSH C . 5.63 -3.33 -9.73
OE1 GSH C . 4.56 -3.82 -10.07
N2 GSH C . 6.57 -2.96 -10.63
CA2 GSH C . 6.50 -3.35 -12.03
C2 GSH C . 7.52 -4.42 -12.32
O2 GSH C . 8.70 -4.25 -12.04
CB2 GSH C . 6.81 -2.10 -12.89
SG2 GSH C . 5.58 -0.80 -12.57
N3 GSH C . 7.07 -5.59 -12.84
CA3 GSH C . 7.97 -6.67 -13.28
C3 GSH C . 7.55 -7.94 -12.58
O31 GSH C . 6.69 -7.91 -11.55
O32 GSH C . 8.25 -8.92 -12.71
C1 MPD D . 1.05 1.08 -17.96
C2 MPD D . 1.89 0.76 -16.74
O2 MPD D . 2.44 1.96 -16.25
CM MPD D . 1.00 0.14 -15.69
C3 MPD D . 2.96 -0.22 -17.15
C4 MPD D . 4.08 -0.38 -16.14
O4 MPD D . 4.31 0.86 -15.50
C5 MPD D . 3.70 -1.42 -15.09
H11 MPD D . 1.61 1.53 -18.62
H12 MPD D . 0.71 0.25 -18.34
H13 MPD D . 0.31 1.67 -17.71
HO2 MPD D . 2.70 2.47 -16.92
HM1 MPD D . 0.67 -0.72 -16.00
HM2 MPD D . 1.50 0.02 -14.86
HM3 MPD D . 0.23 0.73 -15.52
H31 MPD D . 2.56 -1.09 -17.30
H32 MPD D . 3.36 0.09 -17.99
H4 MPD D . 4.88 -0.66 -16.59
HO4 MPD D . 4.66 1.43 -16.08
H51 MPD D . 3.41 -0.97 -14.28
H52 MPD D . 2.98 -1.98 -15.43
H53 MPD D . 4.49 -1.97 -14.89
C1 MPD E . 19.75 -4.17 0.16
C2 MPD E . 19.52 -3.23 1.31
O2 MPD E . 20.12 -1.98 1.01
CM MPD E . 18.03 -3.03 1.47
C3 MPD E . 20.12 -3.88 2.55
C4 MPD E . 20.49 -2.95 3.69
O4 MPD E . 19.64 -1.83 3.72
C5 MPD E . 20.39 -3.69 5.01
H11 MPD E . 19.32 -3.82 -0.65
H12 MPD E . 20.71 -4.27 0.01
H13 MPD E . 19.37 -5.05 0.36
HO2 MPD E . 20.99 -2.04 1.14
HM1 MPD E . 17.66 -2.72 0.62
HM2 MPD E . 17.61 -3.87 1.72
HM3 MPD E . 17.87 -2.36 2.15
H31 MPD E . 19.47 -4.52 2.89
H32 MPD E . 20.92 -4.36 2.28
H4 MPD E . 21.40 -2.64 3.56
HO4 MPD E . 20.09 -1.12 3.98
H51 MPD E . 21.20 -4.22 5.15
H52 MPD E . 20.29 -3.05 5.74
H53 MPD E . 19.61 -4.28 4.99
C1 MPD F . 19.15 -13.30 -8.30
C2 MPD F . 17.85 -13.99 -8.67
O2 MPD F . 18.15 -15.23 -9.27
CM MPD F . 17.05 -14.24 -7.40
C3 MPD F . 17.07 -13.11 -9.62
C4 MPD F . 16.17 -13.86 -10.59
O4 MPD F . 15.60 -14.98 -9.94
C5 MPD F . 15.06 -12.97 -11.07
H11 MPD F . 18.95 -12.41 -7.94
H12 MPD F . 19.63 -13.82 -7.65
H13 MPD F . 19.69 -13.20 -9.11
HO2 MPD F . 17.44 -15.77 -9.18
HM1 MPD F . 17.61 -14.71 -6.74
HM2 MPD F . 16.75 -13.39 -7.03
HM3 MPD F . 16.27 -14.80 -7.61
H31 MPD F . 16.52 -12.50 -9.09
H32 MPD F . 17.70 -12.58 -10.14
H4 MPD F . 16.70 -14.16 -11.35
HO4 MPD F . 15.00 -14.71 -9.35
H51 MPD F . 15.23 -12.69 -11.99
H52 MPD F . 14.21 -13.44 -11.03
H53 MPD F . 15.00 -12.18 -10.50
C1 MPD G . 23.30 -0.59 -10.34
C2 MPD G . 24.12 -0.05 -9.19
O2 MPD G . 23.96 1.35 -9.20
CM MPD G . 23.61 -0.55 -7.86
C3 MPD G . 25.61 -0.34 -9.35
C4 MPD G . 26.07 -1.77 -9.49
O4 MPD G . 25.79 -2.32 -10.77
C5 MPD G . 27.56 -1.78 -9.29
H11 MPD G . 23.56 -0.13 -11.16
H12 MPD G . 23.46 -1.54 -10.44
H13 MPD G . 22.35 -0.43 -10.16
HO2 MPD G . 24.12 1.67 -10.01
HM1 MPD G . 23.85 -1.49 -7.75
HM2 MPD G . 24.00 -0.03 -7.14
HM3 MPD G . 22.64 -0.47 -7.83
H31 MPD G . 25.93 0.15 -10.13
H32 MPD G . 26.07 0.04 -8.57
H4 MPD G . 25.64 -2.32 -8.80
HO4 MPD G . 26.35 -1.97 -11.36
H51 MPD G . 27.76 -1.62 -8.35
H52 MPD G . 27.92 -2.64 -9.56
H53 MPD G . 27.96 -1.07 -9.83
N1 GSH H . -7.70 0.26 0.36
CA1 GSH H . -8.81 -0.01 1.28
C1 GSH H . -8.32 -0.68 2.53
O11 GSH H . -8.87 -0.48 3.59
O12 GSH H . -7.15 -1.30 2.50
CB1 GSH H . -9.80 -0.93 0.57
CG1 GSH H . -10.96 -1.17 1.54
CD1 GSH H . -12.07 -1.98 0.93
OE1 GSH H . -12.05 -2.27 -0.25
N2 GSH H . -13.10 -2.34 1.73
CA2 GSH H . -14.22 -3.07 1.19
C2 GSH H . -15.47 -2.20 1.19
O2 GSH H . -15.85 -1.60 2.19
CB2 GSH H . -14.42 -4.32 2.07
SG2 GSH H . -12.94 -5.38 2.11
N3 GSH H . -16.20 -2.18 0.07
CA3 GSH H . -17.45 -1.43 -0.03
C3 GSH H . -17.27 -0.23 -0.94
O31 GSH H . -16.11 0.00 -1.58
O32 GSH H . -18.23 0.46 -1.18
C1 MPD I . -13.16 -11.81 -0.93
C2 MPD I . -13.06 -10.54 -0.12
O2 MPD I . -12.81 -10.88 1.22
CM MPD I . -11.91 -9.70 -0.65
C3 MPD I . -14.34 -9.76 -0.25
C4 MPD I . -14.75 -9.01 1.00
O4 MPD I . -13.61 -8.59 1.73
C5 MPD I . -15.56 -7.80 0.61
H11 MPD I . -12.31 -12.29 -0.91
H12 MPD I . -13.87 -12.37 -0.55
H13 MPD I . -13.39 -11.59 -1.86
HO2 MPD I . -12.03 -11.30 1.28
HM1 MPD I . -11.10 -10.25 -0.69
HM2 MPD I . -12.13 -9.39 -1.56
HM3 MPD I . -11.76 -8.93 -0.08
H31 MPD I . -14.25 -9.11 -0.97
H32 MPD I . -15.06 -10.38 -0.48
H4 MPD I . -15.29 -9.59 1.57
HO4 MPD I . -13.84 -8.43 2.58
H51 MPD I . -16.15 -7.54 1.35
H52 MPD I . -14.97 -7.06 0.39
H53 MPD I . -16.11 -8.02 -0.17
C1 MPD J . -0.23 -7.19 6.32
C2 MPD J . -0.97 -6.83 5.04
O2 MPD J . -1.01 -7.98 4.23
CM MPD J . -2.40 -6.45 5.39
C3 MPD J . -0.24 -5.76 4.25
C4 MPD J . -0.12 -4.39 4.90
O4 MPD J . 0.89 -3.64 4.27
C5 MPD J . -1.42 -3.65 4.73
H11 MPD J . 0.63 -7.58 6.10
H12 MPD J . -0.10 -6.38 6.86
H13 MPD J . -0.76 -7.82 6.83
HO2 MPD J . -1.72 -8.47 4.45
HM1 MPD J . -2.41 -5.57 5.82
HM2 MPD J . -2.93 -6.41 4.57
HM3 MPD J . -2.78 -7.11 5.99
H31 MPD J . 0.67 -6.09 4.09
H32 MPD J . -0.69 -5.66 3.39
H4 MPD J . 0.08 -4.49 5.85
HO4 MPD J . 1.28 -3.10 4.86
H51 MPD J . -2.00 -4.14 4.11
H52 MPD J . -1.87 -3.57 5.58
H53 MPD J . -1.24 -2.76 4.36
C1 MPD K . -5.98 -21.27 0.53
C2 MPD K . -6.45 -20.04 1.28
O2 MPD K . -7.26 -20.45 2.34
CM MPD K . -5.24 -19.30 1.83
C3 MPD K . -7.19 -19.13 0.31
C4 MPD K . -8.50 -18.56 0.81
O4 MPD K . -8.56 -18.53 2.21
C5 MPD K . -8.69 -17.16 0.27
H11 MPD K . -5.43 -21.00 -0.23
H12 MPD K . -5.45 -21.83 1.13
H13 MPD K . -6.75 -21.77 0.22
HO2 MPD K . -6.76 -20.88 2.94
HM1 MPD K . -4.69 -19.92 2.35
HM2 MPD K . -4.71 -18.94 1.08
HM3 MPD K . -5.54 -18.57 2.39
H31 MPD K . -6.60 -18.38 0.09
H32 MPD K . -7.36 -19.63 -0.50
H4 MPD K . -9.23 -19.12 0.48
HO4 MPD K . -9.26 -18.05 2.47
H51 MPD K . -7.91 -16.62 0.49
H52 MPD K . -8.79 -17.19 -0.70
H53 MPD K . -9.48 -16.76 0.67
#